data_8JDY
#
_entry.id   8JDY
#
_cell.length_a   81.650
_cell.length_b   102.100
_cell.length_c   123.080
_cell.angle_alpha   90.00
_cell.angle_beta   90.00
_cell.angle_gamma   90.00
#
_symmetry.space_group_name_H-M   'I 2 2 2'
#
loop_
_entity.id
_entity.type
_entity.pdbx_description
1 polymer 'Probable D-lactate dehydrogenase, mitochondrial'
2 non-polymer 'FLAVIN-ADENINE DINUCLEOTIDE'
3 non-polymer 'MANGANESE (II) ION'
4 non-polymer '2-OXO-4-METHYLPENTANOIC ACID'
5 water water
#
_entity_poly.entity_id   1
_entity_poly.type   'polypeptide(L)'
_entity_poly.pdbx_seq_one_letter_code
;WSHPQFEKGSQGGLSQDFVEALKAVVGSPHVSTASAVREQHGHDESMHRCQPPDAVVWPQNVDQVSRVASLCYNQGVPII
PFGTGTGVEGGVCAVQGGVCINLTHMDQITELNTEDFSVVVEPGVTRKALNTHLRDSGLWFPVDPGADASLCGMAATGAS
GTNAVRYGTMRDNVINLEVVLPDGRLLHTAGRGRHYRKSAAGYNLTGLFVGSEGTLGIITSTTLRLHPAPEATVAATCAF
PSVQAAVDSTVQILQAAVPVARIEFLDDVMMDACNRHSKLNCPVAPTLFLEFHGSQQTLAEQLQRTEAITQDNGGSHFSW
AKEAEKRNELWAARHNAWYAALALSPGSKAYSTDVCVPISRLPEILVETKEEIKASKLTGAIVGHVGDGNFHCILLVDPD
DAEEQRRVKAFAENLGRRALALGGTCTGEHGIGLGKRQLLQEEVGPVGVETMRQLKNTLDPRGLMNPGKVL
;
_entity_poly.pdbx_strand_id   A
#
loop_
_chem_comp.id
_chem_comp.type
_chem_comp.name
_chem_comp.formula
COI non-polymer '2-OXO-4-METHYLPENTANOIC ACID' 'C6 H10 O3'
FAD non-polymer 'FLAVIN-ADENINE DINUCLEOTIDE' 'C27 H33 N9 O15 P2'
MN non-polymer 'MANGANESE (II) ION' 'Mn 2'
#
# COMPACT_ATOMS: atom_id res chain seq x y z
N LEU A 14 -27.51 14.36 -7.07
CA LEU A 14 -27.05 15.75 -7.21
C LEU A 14 -27.90 16.63 -8.09
N SER A 15 -28.33 17.72 -7.46
CA SER A 15 -29.10 18.75 -8.11
C SER A 15 -28.24 19.53 -9.10
N GLN A 16 -28.89 20.12 -10.11
CA GLN A 16 -28.16 20.94 -11.07
C GLN A 16 -27.57 22.16 -10.40
N ASP A 17 -28.25 22.70 -9.39
CA ASP A 17 -27.70 23.81 -8.62
C ASP A 17 -26.36 23.41 -8.00
N PHE A 18 -26.31 22.22 -7.40
CA PHE A 18 -25.09 21.79 -6.74
C PHE A 18 -23.97 21.55 -7.75
N VAL A 19 -24.29 20.94 -8.90
CA VAL A 19 -23.28 20.72 -9.93
C VAL A 19 -22.73 22.04 -10.44
N GLU A 20 -23.61 23.03 -10.65
CA GLU A 20 -23.15 24.33 -11.10
C GLU A 20 -22.22 24.98 -10.06
N ALA A 21 -22.49 24.74 -8.77
CA ALA A 21 -21.62 25.28 -7.74
C ALA A 21 -20.25 24.64 -7.79
N LEU A 22 -20.19 23.33 -8.01
CA LEU A 22 -18.90 22.66 -8.18
C LEU A 22 -18.16 23.24 -9.38
N LYS A 23 -18.87 23.44 -10.50
CA LYS A 23 -18.24 23.98 -11.68
C LYS A 23 -17.71 25.38 -11.46
N ALA A 24 -18.40 26.18 -10.63
CA ALA A 24 -17.92 27.50 -10.30
C ALA A 24 -16.59 27.48 -9.55
N VAL A 25 -16.27 26.39 -8.86
CA VAL A 25 -15.00 26.31 -8.13
C VAL A 25 -13.87 25.85 -9.05
N VAL A 26 -14.06 24.76 -9.78
CA VAL A 26 -12.95 24.10 -10.47
C VAL A 26 -12.96 24.33 -11.97
N GLY A 27 -14.05 24.84 -12.53
CA GLY A 27 -14.13 24.96 -13.96
C GLY A 27 -14.96 23.86 -14.59
N SER A 28 -15.78 24.24 -15.57
CA SER A 28 -16.66 23.27 -16.21
C SER A 28 -15.98 21.99 -16.69
N PRO A 29 -14.81 22.02 -17.33
CA PRO A 29 -14.21 20.75 -17.78
C PRO A 29 -13.86 19.81 -16.64
N HIS A 30 -13.70 20.32 -15.42
CA HIS A 30 -13.19 19.53 -14.31
C HIS A 30 -14.29 18.97 -13.39
N VAL A 31 -15.55 19.01 -13.83
CA VAL A 31 -16.66 18.35 -13.16
C VAL A 31 -17.34 17.44 -14.15
N SER A 32 -17.58 16.19 -13.78
CA SER A 32 -18.30 15.31 -14.69
C SER A 32 -19.37 14.51 -13.95
N THR A 33 -20.58 14.48 -14.52
CA THR A 33 -21.62 13.56 -14.07
C THR A 33 -21.91 12.46 -15.07
N ALA A 34 -21.03 12.27 -16.08
CA ALA A 34 -21.24 11.22 -17.07
C ALA A 34 -21.06 9.84 -16.44
N SER A 35 -21.97 8.92 -16.79
CA SER A 35 -21.96 7.58 -16.21
C SER A 35 -20.62 6.87 -16.41
N ALA A 36 -20.07 6.93 -17.61
CA ALA A 36 -18.82 6.22 -17.88
C ALA A 36 -17.67 6.78 -17.03
N VAL A 37 -17.63 8.10 -16.86
CA VAL A 37 -16.58 8.71 -16.05
C VAL A 37 -16.76 8.34 -14.58
N ARG A 38 -17.99 8.37 -14.10
CA ARG A 38 -18.26 7.97 -12.72
C ARG A 38 -17.92 6.50 -12.51
N GLU A 39 -18.28 5.63 -13.46
CA GLU A 39 -18.01 4.20 -13.28
C GLU A 39 -16.51 3.93 -13.21
N GLN A 40 -15.72 4.67 -14.00
CA GLN A 40 -14.27 4.49 -14.00
C GLN A 40 -13.66 4.88 -12.65
N HIS A 41 -14.31 5.77 -11.92
CA HIS A 41 -13.85 6.21 -10.61
C HIS A 41 -14.60 5.53 -9.48
N GLY A 42 -15.39 4.51 -9.79
CA GLY A 42 -16.18 3.83 -8.79
C GLY A 42 -15.59 2.55 -8.27
N HIS A 43 -14.36 2.22 -8.66
CA HIS A 43 -13.72 0.99 -8.23
C HIS A 43 -12.23 1.20 -8.16
N ASP A 44 -11.57 0.28 -7.47
CA ASP A 44 -10.11 0.26 -7.50
C ASP A 44 -9.68 -1.07 -8.08
N GLU A 45 -8.54 -1.59 -7.63
CA GLU A 45 -8.09 -2.90 -8.10
C GLU A 45 -8.73 -4.06 -7.35
N SER A 46 -9.57 -3.79 -6.35
CA SER A 46 -10.23 -4.83 -5.58
C SER A 46 -11.42 -5.40 -6.34
N MET A 47 -11.95 -6.51 -5.81
CA MET A 47 -13.16 -7.11 -6.35
C MET A 47 -14.42 -6.43 -5.83
N HIS A 48 -14.34 -5.43 -4.98
CA HIS A 48 -15.52 -4.77 -4.50
C HIS A 48 -16.22 -3.88 -5.52
N ARG A 49 -17.54 -3.86 -5.56
CA ARG A 49 -18.19 -2.83 -6.41
C ARG A 49 -19.41 -2.24 -5.79
N CYS A 50 -19.61 -0.95 -6.04
CA CYS A 50 -20.72 -0.24 -5.47
C CYS A 50 -21.34 0.57 -6.54
N GLN A 51 -22.38 1.28 -6.20
CA GLN A 51 -22.93 2.18 -7.15
C GLN A 51 -21.80 3.23 -7.36
N PRO A 52 -21.69 3.81 -8.54
CA PRO A 52 -20.60 4.75 -8.75
C PRO A 52 -20.82 6.07 -8.03
N PRO A 53 -19.79 6.91 -7.95
CA PRO A 53 -20.07 8.22 -7.35
C PRO A 53 -21.06 8.99 -8.20
N ASP A 54 -21.64 10.03 -7.63
CA ASP A 54 -22.60 10.84 -8.37
C ASP A 54 -21.92 11.87 -9.26
N ALA A 55 -20.68 12.24 -8.95
CA ALA A 55 -19.90 13.12 -9.80
C ALA A 55 -18.43 12.86 -9.53
N VAL A 56 -17.60 13.25 -10.50
CA VAL A 56 -16.15 13.28 -10.34
C VAL A 56 -15.69 14.71 -10.54
N VAL A 57 -14.81 15.19 -9.65
CA VAL A 57 -14.33 16.56 -9.66
C VAL A 57 -12.82 16.53 -9.58
N TRP A 58 -12.16 17.38 -10.38
CA TRP A 58 -10.70 17.50 -10.40
C TRP A 58 -10.28 18.89 -9.96
N PRO A 59 -10.02 19.10 -8.67
CA PRO A 59 -9.52 20.41 -8.23
C PRO A 59 -8.13 20.67 -8.77
N GLN A 60 -7.85 21.95 -9.05
CA GLN A 60 -6.59 22.37 -9.66
C GLN A 60 -5.57 22.93 -8.67
N ASN A 61 -6.00 23.26 -7.45
CA ASN A 61 -5.10 23.76 -6.42
C ASN A 61 -5.77 23.54 -5.07
N VAL A 62 -5.03 23.83 -4.00
CA VAL A 62 -5.55 23.48 -2.68
C VAL A 62 -6.74 24.36 -2.31
N ASP A 63 -6.76 25.62 -2.76
CA ASP A 63 -7.94 26.46 -2.50
C ASP A 63 -9.20 25.81 -3.08
N GLN A 64 -9.11 25.26 -4.29
CA GLN A 64 -10.24 24.56 -4.87
C GLN A 64 -10.59 23.29 -4.11
N VAL A 65 -9.60 22.54 -3.60
CA VAL A 65 -9.93 21.37 -2.79
C VAL A 65 -10.75 21.80 -1.58
N SER A 66 -10.28 22.84 -0.89
CA SER A 66 -10.98 23.37 0.28
C SER A 66 -12.41 23.78 -0.05
N ARG A 67 -12.58 24.52 -1.15
CA ARG A 67 -13.92 24.99 -1.49
C ARG A 67 -14.83 23.87 -1.94
N VAL A 68 -14.29 22.85 -2.63
CA VAL A 68 -15.11 21.69 -2.96
C VAL A 68 -15.52 20.94 -1.70
N ALA A 69 -14.57 20.71 -0.79
CA ALA A 69 -14.92 20.00 0.44
C ALA A 69 -15.99 20.75 1.23
N SER A 70 -15.83 22.07 1.35
CA SER A 70 -16.81 22.87 2.11
C SER A 70 -18.19 22.79 1.47
N LEU A 71 -18.26 22.93 0.14
CA LEU A 71 -19.52 22.78 -0.57
C LEU A 71 -20.18 21.43 -0.30
N CYS A 72 -19.43 20.34 -0.44
CA CYS A 72 -19.99 19.01 -0.20
C CYS A 72 -20.40 18.83 1.25
N TYR A 73 -19.50 19.16 2.16
CA TYR A 73 -19.75 18.93 3.58
C TYR A 73 -21.01 19.65 4.03
N ASN A 74 -21.13 20.92 3.69
CA ASN A 74 -22.28 21.68 4.19
C ASN A 74 -23.58 21.32 3.50
N GLN A 75 -23.52 20.71 2.33
CA GLN A 75 -24.73 20.24 1.65
C GLN A 75 -25.07 18.79 1.95
N GLY A 76 -24.27 18.13 2.78
CA GLY A 76 -24.56 16.75 3.13
C GLY A 76 -24.22 15.75 2.04
N VAL A 77 -23.22 16.04 1.23
CA VAL A 77 -22.80 15.20 0.12
C VAL A 77 -21.51 14.49 0.52
N PRO A 78 -21.45 13.16 0.48
CA PRO A 78 -20.19 12.47 0.81
C PRO A 78 -19.08 12.85 -0.15
N ILE A 79 -17.86 12.80 0.38
CA ILE A 79 -16.62 13.10 -0.31
C ILE A 79 -15.78 11.84 -0.38
N ILE A 80 -15.29 11.49 -1.57
CA ILE A 80 -14.45 10.30 -1.70
C ILE A 80 -13.12 10.74 -2.31
N PRO A 81 -12.03 10.84 -1.54
CA PRO A 81 -10.74 11.18 -2.17
C PRO A 81 -10.28 10.06 -3.08
N PHE A 82 -9.67 10.44 -4.20
CA PHE A 82 -9.27 9.47 -5.22
C PHE A 82 -7.89 9.87 -5.71
N GLY A 83 -6.93 8.95 -5.61
CA GLY A 83 -5.61 9.24 -6.12
C GLY A 83 -5.43 8.58 -7.46
N THR A 84 -4.74 7.45 -7.48
CA THR A 84 -4.58 6.69 -8.71
C THR A 84 -5.47 5.45 -8.79
N GLY A 85 -6.32 5.20 -7.79
CA GLY A 85 -7.26 4.10 -7.87
C GLY A 85 -6.63 2.72 -7.87
N THR A 86 -5.45 2.56 -7.27
CA THR A 86 -4.78 1.27 -7.24
C THR A 86 -4.96 0.55 -5.92
N GLY A 87 -5.76 1.09 -5.01
CA GLY A 87 -6.01 0.42 -3.73
C GLY A 87 -6.69 -0.91 -3.93
N VAL A 88 -6.61 -1.77 -2.91
CA VAL A 88 -7.14 -3.13 -3.05
C VAL A 88 -8.16 -3.48 -1.97
N GLU A 89 -8.73 -2.47 -1.28
CA GLU A 89 -9.74 -2.76 -0.26
C GLU A 89 -11.03 -1.98 -0.46
N GLY A 90 -11.27 -1.42 -1.64
CA GLY A 90 -12.51 -0.72 -1.88
C GLY A 90 -12.55 0.68 -1.31
N GLY A 91 -11.39 1.29 -1.08
CA GLY A 91 -11.37 2.61 -0.47
C GLY A 91 -12.10 3.68 -1.26
N VAL A 92 -12.06 3.60 -2.60
CA VAL A 92 -12.73 4.61 -3.42
C VAL A 92 -14.17 4.23 -3.80
N CYS A 93 -14.66 3.09 -3.34
CA CYS A 93 -16.01 2.66 -3.72
C CYS A 93 -17.05 3.58 -3.07
N ALA A 94 -17.95 4.16 -3.88
CA ALA A 94 -18.90 5.16 -3.34
C ALA A 94 -20.14 4.48 -2.76
N VAL A 95 -19.95 3.85 -1.61
CA VAL A 95 -21.02 3.05 -1.00
C VAL A 95 -22.23 3.90 -0.62
N GLN A 96 -22.05 5.21 -0.42
CA GLN A 96 -23.16 6.11 -0.15
C GLN A 96 -23.27 7.21 -1.21
N GLY A 97 -22.76 6.97 -2.42
CA GLY A 97 -22.73 7.99 -3.46
C GLY A 97 -21.79 9.13 -3.11
N GLY A 98 -22.06 10.28 -3.70
CA GLY A 98 -21.34 11.50 -3.39
C GLY A 98 -20.38 11.92 -4.48
N VAL A 99 -19.42 12.76 -4.09
CA VAL A 99 -18.51 13.38 -5.04
C VAL A 99 -17.14 12.73 -4.89
N CYS A 100 -16.64 12.15 -5.98
CA CYS A 100 -15.29 11.60 -6.04
C CYS A 100 -14.33 12.74 -6.42
N ILE A 101 -13.33 12.99 -5.59
CA ILE A 101 -12.41 14.09 -5.81
C ILE A 101 -11.11 13.49 -6.33
N ASN A 102 -10.89 13.57 -7.63
CA ASN A 102 -9.66 13.07 -8.23
C ASN A 102 -8.60 14.14 -8.08
N LEU A 103 -7.53 13.83 -7.34
CA LEU A 103 -6.57 14.83 -6.92
C LEU A 103 -5.36 14.95 -7.84
N THR A 104 -5.33 14.21 -8.94
CA THR A 104 -4.06 14.03 -9.64
C THR A 104 -3.69 15.17 -10.58
N HIS A 105 -4.53 16.18 -10.76
CA HIS A 105 -4.05 17.33 -11.51
C HIS A 105 -3.11 18.23 -10.70
N MET A 106 -3.07 18.07 -9.38
CA MET A 106 -2.06 18.75 -8.58
C MET A 106 -0.86 17.81 -8.56
N ASP A 107 0.12 18.08 -9.43
CA ASP A 107 1.15 17.09 -9.72
C ASP A 107 2.55 17.67 -9.60
N GLN A 108 2.73 18.71 -8.77
CA GLN A 108 4.00 19.40 -8.68
C GLN A 108 4.86 18.89 -7.52
N ILE A 109 6.16 18.79 -7.78
CA ILE A 109 7.18 18.56 -6.76
C ILE A 109 7.75 19.90 -6.34
N THR A 110 7.86 20.13 -5.03
CA THR A 110 8.34 21.41 -4.53
C THR A 110 9.25 21.19 -3.32
N GLU A 111 9.87 22.28 -2.89
CA GLU A 111 10.63 22.30 -1.63
C GLU A 111 11.63 21.15 -1.57
N LEU A 112 12.22 20.82 -2.71
CA LEU A 112 13.26 19.81 -2.72
C LEU A 112 14.46 20.33 -1.94
N ASN A 113 14.80 19.67 -0.84
CA ASN A 113 15.90 20.07 0.03
C ASN A 113 16.87 18.89 0.09
N THR A 114 17.78 18.80 -0.89
CA THR A 114 18.67 17.65 -0.92
C THR A 114 19.57 17.61 0.31
N GLU A 115 19.99 18.78 0.81
CA GLU A 115 20.87 18.84 1.97
C GLU A 115 20.21 18.34 3.24
N ASP A 116 18.87 18.44 3.32
CA ASP A 116 18.08 17.97 4.46
C ASP A 116 17.45 16.61 4.22
N PHE A 117 17.59 16.05 3.02
CA PHE A 117 16.97 14.77 2.67
C PHE A 117 15.44 14.87 2.73
N SER A 118 14.86 15.92 2.12
CA SER A 118 13.40 16.06 2.18
C SER A 118 12.85 16.70 0.90
N VAL A 119 11.56 16.46 0.65
CA VAL A 119 10.89 16.99 -0.54
C VAL A 119 9.40 17.02 -0.26
N VAL A 120 8.68 17.90 -0.95
CA VAL A 120 7.22 18.00 -0.84
C VAL A 120 6.60 17.62 -2.19
N VAL A 121 5.59 16.75 -2.15
CA VAL A 121 4.91 16.31 -3.37
C VAL A 121 3.40 16.48 -3.25
N GLU A 122 2.78 16.79 -4.38
CA GLU A 122 1.32 16.88 -4.53
C GLU A 122 0.77 15.53 -4.99
N PRO A 123 -0.56 15.33 -4.93
CA PRO A 123 -1.10 13.97 -5.13
C PRO A 123 -0.88 13.36 -6.50
N GLY A 124 -0.69 14.17 -7.54
CA GLY A 124 -0.42 13.63 -8.87
C GLY A 124 0.99 13.09 -9.07
N VAL A 125 1.88 13.28 -8.09
CA VAL A 125 3.25 12.78 -8.18
C VAL A 125 3.27 11.31 -7.76
N THR A 126 3.77 10.45 -8.64
CA THR A 126 4.01 9.05 -8.30
C THR A 126 5.47 8.87 -7.85
N ARG A 127 5.74 7.70 -7.28
CA ARG A 127 7.12 7.38 -6.90
C ARG A 127 8.03 7.43 -8.12
N LYS A 128 7.56 6.91 -9.27
CA LYS A 128 8.39 6.93 -10.46
C LYS A 128 8.70 8.37 -10.89
N ALA A 129 7.71 9.25 -10.83
CA ALA A 129 7.93 10.65 -11.16
C ALA A 129 8.95 11.29 -10.22
N LEU A 130 8.83 11.02 -8.91
CA LEU A 130 9.76 11.60 -7.96
C LEU A 130 11.17 11.10 -8.20
N ASN A 131 11.34 9.79 -8.34
CA ASN A 131 12.68 9.26 -8.50
C ASN A 131 13.28 9.65 -9.84
N THR A 132 12.45 9.85 -10.87
CA THR A 132 12.95 10.41 -12.12
C THR A 132 13.44 11.84 -11.92
N HIS A 133 12.67 12.65 -11.19
CA HIS A 133 13.10 13.99 -10.81
C HIS A 133 14.42 13.98 -10.07
N LEU A 134 14.66 12.95 -9.29
CA LEU A 134 15.85 12.90 -8.45
C LEU A 134 17.08 12.23 -9.05
N ARG A 135 16.99 11.88 -10.31
CA ARG A 135 18.09 11.23 -10.95
C ARG A 135 19.25 12.17 -10.95
N ASP A 136 20.39 11.68 -10.56
CA ASP A 136 21.61 12.50 -10.48
C ASP A 136 21.74 13.34 -9.21
N SER A 137 20.84 13.15 -8.26
CA SER A 137 20.92 13.87 -7.02
C SER A 137 21.62 13.04 -6.00
N GLY A 138 21.77 11.77 -6.25
CA GLY A 138 22.27 10.88 -5.25
C GLY A 138 21.26 10.48 -4.20
N LEU A 139 20.02 10.92 -4.34
CA LEU A 139 18.93 10.62 -3.43
C LEU A 139 17.83 9.86 -4.14
N TRP A 140 17.03 9.14 -3.35
CA TRP A 140 15.88 8.43 -3.89
C TRP A 140 14.82 8.28 -2.80
N PHE A 141 13.60 7.98 -3.24
CA PHE A 141 12.53 7.66 -2.31
C PHE A 141 12.27 6.15 -2.35
N PRO A 142 12.38 5.47 -1.22
CA PRO A 142 12.42 3.99 -1.25
C PRO A 142 11.10 3.23 -1.16
N VAL A 143 10.03 3.81 -0.62
CA VAL A 143 8.83 3.00 -0.36
C VAL A 143 8.16 2.65 -1.68
N ASP A 144 8.08 1.36 -2.00
CA ASP A 144 7.82 0.91 -3.37
C ASP A 144 6.70 -0.12 -3.48
N PRO A 145 5.45 0.31 -3.42
CA PRO A 145 4.36 -0.52 -3.93
C PRO A 145 4.59 -0.89 -5.39
N GLY A 146 4.06 -2.05 -5.78
CA GLY A 146 4.22 -2.49 -7.16
C GLY A 146 3.53 -1.58 -8.16
N ALA A 147 2.48 -0.90 -7.73
CA ALA A 147 1.67 -0.06 -8.60
C ALA A 147 2.27 1.34 -8.74
N ASP A 148 1.91 2.01 -9.83
CA ASP A 148 2.34 3.38 -10.09
C ASP A 148 1.42 4.34 -9.35
N ALA A 149 1.55 4.34 -8.02
CA ALA A 149 0.57 4.95 -7.15
C ALA A 149 0.93 6.38 -6.77
N SER A 150 -0.10 7.18 -6.56
CA SER A 150 0.05 8.49 -5.94
C SER A 150 0.76 8.39 -4.59
N LEU A 151 1.80 9.21 -4.42
CA LEU A 151 2.52 9.23 -3.13
C LEU A 151 1.63 9.71 -2.00
N CYS A 152 0.71 10.65 -2.28
CA CYS A 152 -0.22 11.05 -1.22
C CYS A 152 -1.22 9.94 -0.93
N GLY A 153 -1.62 9.18 -1.95
CA GLY A 153 -2.44 8.00 -1.70
C GLY A 153 -1.71 6.99 -0.84
N MET A 154 -0.42 6.82 -1.10
CA MET A 154 0.44 5.96 -0.27
C MET A 154 0.48 6.44 1.17
N ALA A 155 0.58 7.75 1.39
CA ALA A 155 0.45 8.27 2.75
C ALA A 155 -0.93 7.96 3.33
N ALA A 156 -1.99 8.10 2.52
CA ALA A 156 -3.33 7.88 3.04
C ALA A 156 -3.54 6.42 3.43
N THR A 157 -2.96 5.47 2.68
CA THR A 157 -3.18 4.07 3.03
C THR A 157 -2.17 3.51 4.02
N GLY A 158 -1.10 4.24 4.32
CA GLY A 158 -0.06 3.67 5.17
C GLY A 158 0.78 2.63 4.47
N ALA A 159 1.09 2.86 3.21
CA ALA A 159 1.70 1.85 2.35
C ALA A 159 3.09 1.42 2.80
N SER A 160 3.48 0.23 2.37
CA SER A 160 4.89 -0.15 2.47
C SER A 160 5.32 -0.73 1.14
N GLY A 161 6.32 -1.60 1.15
CA GLY A 161 6.78 -2.19 -0.10
C GLY A 161 7.99 -3.06 0.15
N THR A 162 8.64 -3.50 -0.94
CA THR A 162 9.77 -4.40 -0.78
C THR A 162 10.95 -3.75 -0.06
N ASN A 163 11.13 -2.43 -0.19
CA ASN A 163 12.28 -1.81 0.46
C ASN A 163 12.04 -1.48 1.93
N ALA A 164 10.85 -1.72 2.46
CA ALA A 164 10.52 -1.25 3.81
C ALA A 164 11.30 -1.96 4.89
N VAL A 165 11.68 -3.22 4.66
CA VAL A 165 12.45 -3.95 5.67
C VAL A 165 13.72 -3.19 6.05
N ARG A 166 14.32 -2.44 5.12
CA ARG A 166 15.49 -1.63 5.43
C ARG A 166 15.19 -0.13 5.57
N TYR A 167 14.30 0.41 4.73
CA TYR A 167 14.16 1.86 4.64
C TYR A 167 12.87 2.39 5.25
N GLY A 168 12.02 1.52 5.79
CA GLY A 168 10.81 1.92 6.48
C GLY A 168 9.59 2.01 5.59
N THR A 169 8.44 2.15 6.24
CA THR A 169 7.15 2.28 5.60
C THR A 169 6.86 3.76 5.34
N MET A 170 5.66 4.05 4.79
CA MET A 170 5.25 5.44 4.69
C MET A 170 5.23 6.10 6.06
N ARG A 171 4.80 5.38 7.10
CA ARG A 171 4.76 5.98 8.43
C ARG A 171 6.16 6.41 8.87
N ASP A 172 7.18 5.66 8.49
CA ASP A 172 8.56 6.01 8.84
C ASP A 172 9.09 7.18 8.02
N ASN A 173 8.53 7.42 6.84
CA ASN A 173 9.11 8.36 5.89
C ASN A 173 8.24 9.57 5.56
N VAL A 174 7.09 9.74 6.21
CA VAL A 174 6.26 10.94 6.07
C VAL A 174 6.61 11.86 7.23
N ILE A 175 7.09 13.06 6.90
CA ILE A 175 7.59 14.04 7.87
C ILE A 175 6.51 15.05 8.20
N ASN A 176 5.61 15.29 7.25
CA ASN A 176 4.61 16.36 7.39
C ASN A 176 3.54 16.10 6.32
N LEU A 177 2.32 16.59 6.60
CA LEU A 177 1.22 16.45 5.66
C LEU A 177 0.44 17.75 5.61
N GLU A 178 0.02 18.12 4.40
CA GLU A 178 -0.97 19.17 4.22
C GLU A 178 -2.32 18.50 4.00
N VAL A 179 -3.30 18.82 4.84
CA VAL A 179 -4.58 18.11 4.85
C VAL A 179 -5.70 19.13 4.76
N VAL A 180 -6.61 18.94 3.81
CA VAL A 180 -7.86 19.68 3.81
C VAL A 180 -8.83 18.87 4.66
N LEU A 181 -9.23 19.44 5.80
CA LEU A 181 -10.17 18.74 6.66
C LEU A 181 -11.56 18.70 6.01
N PRO A 182 -12.46 17.84 6.50
CA PRO A 182 -13.74 17.63 5.82
C PRO A 182 -14.54 18.90 5.58
N ASP A 183 -14.51 19.88 6.49
CA ASP A 183 -15.27 21.11 6.28
C ASP A 183 -14.47 22.17 5.51
N GLY A 184 -13.29 21.83 5.00
CA GLY A 184 -12.51 22.74 4.17
C GLY A 184 -11.35 23.44 4.85
N ARG A 185 -11.22 23.33 6.17
CA ARG A 185 -10.08 23.98 6.83
C ARG A 185 -8.77 23.33 6.41
N LEU A 186 -7.71 24.14 6.34
CA LEU A 186 -6.40 23.65 5.92
C LEU A 186 -5.51 23.41 7.13
N LEU A 187 -5.04 22.17 7.28
CA LEU A 187 -4.15 21.76 8.37
C LEU A 187 -2.80 21.33 7.82
N HIS A 188 -1.72 21.85 8.40
CA HIS A 188 -0.38 21.31 8.18
C HIS A 188 -0.03 20.56 9.44
N THR A 189 0.04 19.22 9.35
CA THR A 189 0.00 18.40 10.56
C THR A 189 1.16 18.70 11.49
N ALA A 190 2.35 18.98 10.94
CA ALA A 190 3.51 19.35 11.75
C ALA A 190 3.85 20.83 11.65
N GLY A 191 2.98 21.63 11.05
CA GLY A 191 3.23 23.05 10.89
C GLY A 191 3.64 23.40 9.48
N ARG A 192 3.17 24.53 8.95
CA ARG A 192 3.43 24.85 7.55
C ARG A 192 4.92 25.04 7.29
N GLY A 193 5.42 24.29 6.31
CA GLY A 193 6.81 24.40 5.88
C GLY A 193 7.80 23.67 6.73
N ARG A 194 7.36 22.98 7.78
CA ARG A 194 8.30 22.37 8.73
C ARG A 194 8.81 21.02 8.27
N HIS A 195 10.07 20.74 8.58
CA HIS A 195 10.64 19.44 8.30
C HIS A 195 11.84 19.26 9.22
N TYR A 196 11.95 18.08 9.81
CA TYR A 196 12.95 17.84 10.83
C TYR A 196 13.02 16.35 11.11
N ARG A 197 14.03 15.94 11.87
CA ARG A 197 14.24 14.52 12.09
C ARG A 197 13.41 13.96 13.23
N LYS A 198 13.09 14.77 14.24
CA LYS A 198 12.30 14.30 15.38
C LYS A 198 11.67 15.51 16.08
N SER A 199 10.56 15.26 16.77
CA SER A 199 9.89 16.29 17.54
C SER A 199 9.10 15.66 18.67
N ALA A 200 9.06 16.36 19.79
CA ALA A 200 8.12 16.05 20.88
C ALA A 200 7.10 17.16 21.07
N ALA A 201 6.87 17.98 20.05
CA ALA A 201 6.05 19.18 20.22
C ALA A 201 4.57 18.87 20.08
N GLY A 202 3.88 18.79 21.22
CA GLY A 202 2.44 18.56 21.17
C GLY A 202 2.17 17.11 20.82
N TYR A 203 0.96 16.86 20.33
CA TYR A 203 0.58 15.53 19.88
C TYR A 203 0.96 15.36 18.43
N ASN A 204 1.44 14.16 18.08
CA ASN A 204 1.91 13.95 16.71
C ASN A 204 0.70 13.78 15.80
N LEU A 205 0.33 14.85 15.09
CA LEU A 205 -0.82 14.77 14.19
C LEU A 205 -0.49 14.07 12.88
N THR A 206 0.78 14.09 12.48
CA THR A 206 1.13 13.49 11.18
C THR A 206 0.80 12.01 11.17
N GLY A 207 1.15 11.30 12.25
CA GLY A 207 0.89 9.87 12.31
C GLY A 207 -0.57 9.50 12.33
N LEU A 208 -1.44 10.38 12.81
CA LEU A 208 -2.87 10.13 12.78
C LEU A 208 -3.40 10.08 11.36
N PHE A 209 -2.89 10.95 10.49
CA PHE A 209 -3.41 11.01 9.14
C PHE A 209 -2.77 10.00 8.20
N VAL A 210 -1.55 9.54 8.50
CA VAL A 210 -1.00 8.43 7.73
C VAL A 210 -1.84 7.19 8.03
N GLY A 211 -2.34 6.54 6.99
CA GLY A 211 -3.18 5.38 7.21
C GLY A 211 -4.61 5.69 7.52
N SER A 212 -5.07 6.91 7.26
CA SER A 212 -6.46 7.27 7.55
C SER A 212 -7.39 7.02 6.37
N GLU A 213 -6.84 6.72 5.19
CA GLU A 213 -7.59 6.20 4.04
C GLU A 213 -8.65 7.17 3.53
N GLY A 214 -8.45 8.47 3.74
CA GLY A 214 -9.44 9.42 3.25
C GLY A 214 -10.65 9.59 4.13
N THR A 215 -10.64 9.04 5.35
CA THR A 215 -11.77 9.17 6.25
C THR A 215 -11.62 10.32 7.24
N LEU A 216 -10.44 10.97 7.30
CA LEU A 216 -10.22 12.09 8.21
C LEU A 216 -9.91 13.39 7.50
N GLY A 217 -9.80 13.39 6.18
CA GLY A 217 -9.44 14.58 5.43
C GLY A 217 -8.72 14.20 4.16
N ILE A 218 -8.42 15.23 3.37
CA ILE A 218 -7.83 15.06 2.04
C ILE A 218 -6.37 15.50 2.09
N ILE A 219 -5.44 14.59 1.80
CA ILE A 219 -4.03 14.94 1.80
C ILE A 219 -3.72 15.65 0.49
N THR A 220 -3.32 16.91 0.57
CA THR A 220 -3.00 17.66 -0.64
C THR A 220 -1.51 17.90 -0.82
N SER A 221 -0.68 17.61 0.19
CA SER A 221 0.75 17.46 -0.09
C SER A 221 1.34 16.58 1.00
N THR A 222 2.44 15.93 0.67
CA THR A 222 3.16 15.11 1.63
C THR A 222 4.62 15.54 1.63
N THR A 223 5.19 15.71 2.83
CA THR A 223 6.63 15.96 2.96
C THR A 223 7.29 14.62 3.26
N LEU A 224 8.21 14.21 2.38
CA LEU A 224 8.80 12.88 2.40
C LEU A 224 10.27 12.93 2.77
N ARG A 225 10.72 11.93 3.55
CA ARG A 225 12.13 11.68 3.78
C ARG A 225 12.76 11.02 2.56
N LEU A 226 13.86 11.59 2.08
CA LEU A 226 14.67 10.99 1.03
C LEU A 226 15.85 10.26 1.64
N HIS A 227 16.42 9.33 0.88
CA HIS A 227 17.51 8.48 1.31
C HIS A 227 18.67 8.51 0.33
N PRO A 228 19.90 8.35 0.80
CA PRO A 228 21.03 8.28 -0.13
C PRO A 228 20.94 7.02 -0.98
N ALA A 229 21.27 7.16 -2.25
CA ALA A 229 21.37 5.98 -3.10
C ALA A 229 22.50 5.09 -2.58
N PRO A 230 22.33 3.77 -2.62
CA PRO A 230 23.37 2.88 -2.09
C PRO A 230 24.65 2.98 -2.90
N GLU A 231 25.77 2.79 -2.21
CA GLU A 231 27.08 2.77 -2.86
C GLU A 231 27.12 1.70 -3.95
N ALA A 232 26.69 0.49 -3.62
CA ALA A 232 26.62 -0.60 -4.59
C ALA A 232 25.42 -1.46 -4.24
N THR A 233 24.92 -2.19 -5.24
CA THR A 233 23.73 -3.02 -5.11
C THR A 233 23.99 -4.40 -5.70
N VAL A 234 23.54 -5.44 -5.01
CA VAL A 234 23.54 -6.80 -5.53
C VAL A 234 22.18 -7.41 -5.27
N ALA A 235 21.59 -8.03 -6.29
CA ALA A 235 20.34 -8.76 -6.15
C ALA A 235 20.58 -10.23 -6.48
N ALA A 236 19.76 -11.10 -5.92
CA ALA A 236 19.90 -12.52 -6.17
C ALA A 236 18.59 -13.22 -5.89
N THR A 237 18.46 -14.44 -6.40
CA THR A 237 17.34 -15.30 -6.05
C THR A 237 17.89 -16.60 -5.46
N CYS A 238 17.11 -17.21 -4.58
CA CYS A 238 17.52 -18.42 -3.89
C CYS A 238 16.32 -19.35 -3.80
N ALA A 239 16.45 -20.54 -4.37
CA ALA A 239 15.36 -21.50 -4.41
C ALA A 239 15.48 -22.48 -3.26
N PHE A 240 14.34 -22.90 -2.73
CA PHE A 240 14.27 -23.73 -1.54
C PHE A 240 13.43 -24.97 -1.80
N PRO A 241 13.65 -26.03 -1.01
CA PRO A 241 12.83 -27.24 -1.17
C PRO A 241 11.42 -27.11 -0.62
N SER A 242 11.16 -26.17 0.29
CA SER A 242 9.86 -26.08 0.92
C SER A 242 9.61 -24.65 1.35
N VAL A 243 8.34 -24.32 1.56
CA VAL A 243 7.99 -23.05 2.17
C VAL A 243 8.65 -22.91 3.54
N GLN A 244 8.57 -23.97 4.35
CA GLN A 244 9.22 -23.96 5.68
C GLN A 244 10.69 -23.55 5.57
N ALA A 245 11.42 -24.13 4.62
CA ALA A 245 12.84 -23.82 4.51
C ALA A 245 13.08 -22.35 4.16
N ALA A 246 12.24 -21.79 3.27
CA ALA A 246 12.42 -20.40 2.87
C ALA A 246 12.09 -19.45 4.01
N VAL A 247 11.04 -19.74 4.77
CA VAL A 247 10.61 -18.81 5.81
C VAL A 247 11.50 -18.96 7.05
N ASP A 248 12.01 -20.17 7.31
CA ASP A 248 12.98 -20.34 8.38
C ASP A 248 14.25 -19.55 8.07
N SER A 249 14.72 -19.60 6.83
CA SER A 249 15.86 -18.78 6.43
C SER A 249 15.58 -17.30 6.67
N THR A 250 14.39 -16.84 6.28
CA THR A 250 14.05 -15.43 6.47
C THR A 250 14.15 -15.04 7.94
N VAL A 251 13.50 -15.82 8.81
CA VAL A 251 13.50 -15.50 10.24
C VAL A 251 14.93 -15.47 10.78
N GLN A 252 15.76 -16.42 10.33
CA GLN A 252 17.14 -16.48 10.82
C GLN A 252 17.99 -15.35 10.27
N ILE A 253 17.72 -14.88 9.05
CA ILE A 253 18.40 -13.72 8.51
C ILE A 253 18.07 -12.48 9.35
N LEU A 254 16.80 -12.34 9.71
CA LEU A 254 16.40 -11.19 10.54
C LEU A 254 17.00 -11.27 11.93
N GLN A 255 16.99 -12.47 12.52
CA GLN A 255 17.50 -12.59 13.89
C GLN A 255 19.02 -12.42 13.93
N ALA A 256 19.70 -12.68 12.81
CA ALA A 256 21.13 -12.41 12.70
C ALA A 256 21.43 -10.95 12.40
N ALA A 257 20.39 -10.13 12.23
CA ALA A 257 20.51 -8.70 12.00
C ALA A 257 21.30 -8.39 10.73
N VAL A 258 21.18 -9.22 9.70
CA VAL A 258 21.71 -8.87 8.39
C VAL A 258 20.86 -7.74 7.83
N PRO A 259 21.43 -6.58 7.51
CA PRO A 259 20.61 -5.43 7.06
C PRO A 259 20.26 -5.53 5.58
N VAL A 260 19.57 -6.62 5.22
CA VAL A 260 19.14 -6.82 3.85
C VAL A 260 18.26 -5.67 3.39
N ALA A 261 18.42 -5.29 2.13
CA ALA A 261 17.63 -4.19 1.58
C ALA A 261 16.24 -4.66 1.15
N ARG A 262 16.15 -5.87 0.61
CA ARG A 262 14.91 -6.49 0.15
C ARG A 262 14.97 -7.98 0.47
N ILE A 263 13.87 -8.51 0.97
CA ILE A 263 13.76 -9.97 1.14
C ILE A 263 12.31 -10.36 0.90
N GLU A 264 12.04 -10.87 -0.31
CA GLU A 264 10.70 -11.13 -0.79
C GLU A 264 10.52 -12.62 -1.01
N PHE A 265 9.42 -13.16 -0.51
CA PHE A 265 9.08 -14.57 -0.68
C PHE A 265 8.08 -14.75 -1.80
N LEU A 266 8.32 -15.78 -2.64
CA LEU A 266 7.36 -16.25 -3.62
C LEU A 266 7.20 -17.74 -3.41
N ASP A 267 5.96 -18.24 -3.32
CA ASP A 267 5.86 -19.70 -3.29
C ASP A 267 6.00 -20.24 -4.72
N ASP A 268 5.89 -21.57 -4.86
CA ASP A 268 6.09 -22.17 -6.18
C ASP A 268 5.04 -21.71 -7.18
N VAL A 269 3.77 -21.62 -6.74
CA VAL A 269 2.71 -21.13 -7.63
C VAL A 269 3.04 -19.72 -8.09
N MET A 270 3.44 -18.85 -7.16
CA MET A 270 3.74 -17.47 -7.53
C MET A 270 4.93 -17.40 -8.45
N MET A 271 5.96 -18.22 -8.19
CA MET A 271 7.16 -18.15 -9.01
C MET A 271 6.87 -18.61 -10.43
N ASP A 272 6.06 -19.65 -10.58
CA ASP A 272 5.66 -20.08 -11.92
C ASP A 272 4.84 -19.01 -12.62
N ALA A 273 3.88 -18.40 -11.91
CA ALA A 273 3.11 -17.31 -12.50
C ALA A 273 4.01 -16.17 -12.98
N CYS A 274 4.98 -15.76 -12.15
CA CYS A 274 5.87 -14.67 -12.53
C CYS A 274 6.76 -15.05 -13.71
N ASN A 275 7.22 -16.31 -13.75
CA ASN A 275 7.97 -16.80 -14.92
C ASN A 275 7.18 -16.60 -16.20
N ARG A 276 5.91 -17.00 -16.18
CA ARG A 276 5.08 -16.98 -17.38
C ARG A 276 4.71 -15.57 -17.79
N HIS A 277 4.70 -14.63 -16.86
CA HIS A 277 4.26 -13.28 -17.14
C HIS A 277 5.43 -12.33 -17.37
N SER A 278 6.63 -12.82 -17.19
CA SER A 278 7.80 -12.02 -17.38
C SER A 278 8.87 -12.75 -18.20
N LEU A 280 11.61 -13.84 -16.76
CA LEU A 280 12.23 -14.75 -15.84
C LEU A 280 12.01 -16.21 -16.14
N ASN A 281 12.97 -17.05 -15.79
CA ASN A 281 12.82 -18.47 -15.93
C ASN A 281 13.47 -19.11 -14.72
N CYS A 282 13.09 -18.67 -13.53
CA CYS A 282 13.58 -19.21 -12.27
C CYS A 282 13.05 -20.63 -12.06
N PRO A 283 13.78 -21.46 -11.33
CA PRO A 283 13.23 -22.77 -10.94
C PRO A 283 11.91 -22.59 -10.21
N VAL A 284 10.94 -23.43 -10.57
CA VAL A 284 9.61 -23.36 -9.95
C VAL A 284 9.70 -24.01 -8.57
N ALA A 285 9.85 -23.17 -7.56
CA ALA A 285 10.09 -23.60 -6.19
C ALA A 285 9.86 -22.39 -5.28
N PRO A 286 9.60 -22.62 -4.00
CA PRO A 286 9.55 -21.48 -3.07
C PRO A 286 10.89 -20.76 -3.08
N THR A 287 10.84 -19.43 -3.27
CA THR A 287 12.01 -18.66 -3.62
C THR A 287 12.04 -17.37 -2.81
N LEU A 288 13.24 -16.95 -2.44
CA LEU A 288 13.48 -15.60 -1.95
C LEU A 288 14.13 -14.78 -3.05
N PHE A 289 13.60 -13.58 -3.27
CA PHE A 289 14.29 -12.53 -3.99
C PHE A 289 14.99 -11.65 -2.96
N LEU A 290 16.29 -11.45 -3.12
CA LEU A 290 17.09 -10.73 -2.13
C LEU A 290 17.80 -9.56 -2.79
N GLU A 291 17.98 -8.48 -2.01
CA GLU A 291 18.83 -7.39 -2.50
C GLU A 291 19.66 -6.86 -1.34
N PHE A 292 20.90 -6.50 -1.63
CA PHE A 292 21.85 -6.05 -0.63
C PHE A 292 22.40 -4.70 -1.06
N HIS A 293 22.57 -3.79 -0.10
CA HIS A 293 23.11 -2.46 -0.33
C HIS A 293 24.33 -2.25 0.55
N GLY A 294 25.35 -1.62 -0.02
CA GLY A 294 26.51 -1.22 0.75
C GLY A 294 27.69 -0.98 -0.17
N SER A 295 28.87 -0.93 0.44
CA SER A 295 30.09 -0.90 -0.35
C SER A 295 30.45 -2.32 -0.76
N GLN A 296 31.41 -2.42 -1.70
CA GLN A 296 31.98 -3.70 -2.11
C GLN A 296 32.28 -4.56 -0.89
N GLN A 297 32.68 -3.89 0.17
CA GLN A 297 33.30 -4.42 1.36
C GLN A 297 32.25 -4.83 2.41
N THR A 298 31.13 -4.10 2.51
CA THR A 298 30.02 -4.55 3.35
C THR A 298 29.21 -5.63 2.64
N LEU A 299 29.07 -5.53 1.31
CA LEU A 299 28.26 -6.47 0.55
C LEU A 299 28.82 -7.89 0.67
N ALA A 300 30.14 -8.02 0.48
CA ALA A 300 30.76 -9.33 0.59
C ALA A 300 30.45 -9.97 1.94
N GLU A 301 30.50 -9.17 3.01
CA GLU A 301 30.18 -9.70 4.33
C GLU A 301 28.73 -10.12 4.44
N GLN A 302 27.80 -9.24 4.03
CA GLN A 302 26.39 -9.59 4.10
C GLN A 302 26.07 -10.83 3.28
N LEU A 303 26.67 -10.94 2.09
CA LEU A 303 26.39 -12.08 1.22
C LEU A 303 26.86 -13.38 1.86
N GLN A 304 28.06 -13.37 2.46
CA GLN A 304 28.56 -14.60 3.08
C GLN A 304 27.68 -15.03 4.24
N ARG A 305 27.25 -14.09 5.09
CA ARG A 305 26.42 -14.47 6.23
C ARG A 305 25.03 -14.92 5.79
N THR A 306 24.49 -14.32 4.73
CA THR A 306 23.16 -14.70 4.27
C THR A 306 23.19 -16.02 3.52
N GLU A 307 24.23 -16.25 2.71
CA GLU A 307 24.38 -17.55 2.05
C GLU A 307 24.60 -18.66 3.07
N ALA A 308 25.33 -18.38 4.15
CA ALA A 308 25.51 -19.40 5.18
C ALA A 308 24.17 -19.82 5.77
N ILE A 309 23.26 -18.86 5.99
CA ILE A 309 21.98 -19.17 6.60
C ILE A 309 21.07 -19.89 5.62
N THR A 310 21.00 -19.40 4.38
CA THR A 310 20.14 -20.06 3.41
C THR A 310 20.63 -21.48 3.11
N GLN A 311 21.95 -21.67 3.05
CA GLN A 311 22.49 -23.01 2.82
C GLN A 311 22.09 -23.96 3.95
N ASP A 312 22.15 -23.49 5.21
CA ASP A 312 21.70 -24.27 6.36
C ASP A 312 20.29 -24.83 6.16
N ASN A 313 19.44 -24.12 5.41
CA ASN A 313 18.05 -24.51 5.23
C ASN A 313 17.77 -25.07 3.83
N GLY A 314 18.79 -25.53 3.13
CA GLY A 314 18.57 -26.14 1.83
C GLY A 314 18.47 -25.18 0.67
N GLY A 315 18.84 -23.92 0.85
CA GLY A 315 18.76 -22.97 -0.24
C GLY A 315 19.81 -23.24 -1.31
N SER A 316 19.47 -22.87 -2.54
CA SER A 316 20.39 -22.99 -3.66
C SER A 316 21.50 -21.95 -3.56
N HIS A 317 22.55 -22.16 -4.34
CA HIS A 317 23.51 -21.09 -4.58
C HIS A 317 22.76 -19.90 -5.17
N PHE A 318 23.19 -18.70 -4.79
CA PHE A 318 22.50 -17.49 -5.22
C PHE A 318 22.60 -17.33 -6.73
N SER A 319 21.44 -17.23 -7.39
CA SER A 319 21.37 -16.85 -8.79
C SER A 319 21.43 -15.33 -8.88
N TRP A 320 22.55 -14.80 -9.35
CA TRP A 320 22.82 -13.38 -9.29
C TRP A 320 22.12 -12.63 -10.41
N ALA A 321 21.81 -11.36 -10.13
CA ALA A 321 21.36 -10.40 -11.14
C ALA A 321 22.18 -9.14 -10.88
N ALA A 324 22.46 -3.61 -14.44
CA ALA A 324 21.20 -2.95 -14.07
C ALA A 324 20.02 -3.65 -14.71
N GLU A 325 20.26 -4.20 -15.90
CA GLU A 325 19.16 -4.73 -16.70
C GLU A 325 18.48 -5.91 -16.03
N LYS A 326 19.25 -6.83 -15.45
CA LYS A 326 18.61 -8.04 -14.96
C LYS A 326 17.91 -7.83 -13.61
N ARG A 327 18.48 -7.02 -12.70
CA ARG A 327 17.74 -6.78 -11.46
C ARG A 327 16.50 -5.94 -11.71
N ASN A 328 16.56 -5.03 -12.70
CA ASN A 328 15.38 -4.24 -13.03
C ASN A 328 14.23 -5.14 -13.47
N GLU A 329 14.51 -6.18 -14.25
CA GLU A 329 13.43 -7.06 -14.65
C GLU A 329 13.05 -8.02 -13.52
N LEU A 330 14.01 -8.37 -12.66
CA LEU A 330 13.68 -9.16 -11.47
C LEU A 330 12.63 -8.45 -10.62
N TRP A 331 12.90 -7.18 -10.29
CA TRP A 331 11.96 -6.46 -9.42
C TRP A 331 10.71 -6.02 -10.16
N ALA A 332 10.79 -5.79 -11.47
CA ALA A 332 9.57 -5.52 -12.21
C ALA A 332 8.64 -6.73 -12.19
N ALA A 333 9.21 -7.93 -12.29
CA ALA A 333 8.39 -9.13 -12.21
C ALA A 333 7.74 -9.25 -10.83
N ARG A 334 8.50 -8.97 -9.77
CA ARG A 334 7.93 -9.00 -8.43
C ARG A 334 6.81 -7.97 -8.32
N HIS A 335 7.07 -6.74 -8.80
CA HIS A 335 6.08 -5.68 -8.65
C HIS A 335 4.81 -5.97 -9.43
N ASN A 336 4.87 -6.84 -10.45
CA ASN A 336 3.71 -7.19 -11.23
C ASN A 336 3.11 -8.54 -10.83
N ALA A 337 3.52 -9.08 -9.68
CA ALA A 337 3.01 -10.37 -9.21
C ALA A 337 1.48 -10.41 -9.22
N TRP A 338 0.83 -9.30 -8.85
CA TRP A 338 -0.63 -9.23 -8.90
C TRP A 338 -1.16 -9.59 -10.27
N TYR A 339 -0.60 -8.98 -11.31
CA TYR A 339 -1.06 -9.25 -12.67
C TYR A 339 -0.61 -10.61 -13.14
N ALA A 340 0.56 -11.08 -12.68
CA ALA A 340 1.00 -12.43 -13.01
C ALA A 340 0.02 -13.47 -12.49
N ALA A 341 -0.51 -13.25 -11.28
CA ALA A 341 -1.45 -14.19 -10.70
C ALA A 341 -2.79 -14.15 -11.43
N LEU A 342 -3.30 -12.94 -11.69
CA LEU A 342 -4.56 -12.81 -12.41
C LEU A 342 -4.47 -13.47 -13.79
N ALA A 343 -3.30 -13.41 -14.42
CA ALA A 343 -3.08 -13.98 -15.74
C ALA A 343 -3.11 -15.50 -15.74
N LEU A 344 -3.05 -16.15 -14.57
CA LEU A 344 -3.17 -17.59 -14.53
C LEU A 344 -4.56 -18.04 -14.97
N SER A 345 -5.56 -17.21 -14.75
CA SER A 345 -6.95 -17.51 -15.14
C SER A 345 -7.55 -16.22 -15.69
N PRO A 346 -7.35 -15.94 -16.98
CA PRO A 346 -7.88 -14.69 -17.55
C PRO A 346 -9.39 -14.62 -17.39
N GLY A 347 -9.87 -13.42 -17.06
CA GLY A 347 -11.24 -13.20 -16.68
C GLY A 347 -11.49 -13.21 -15.19
N SER A 348 -10.57 -13.76 -14.40
CA SER A 348 -10.74 -13.77 -12.96
C SER A 348 -10.45 -12.39 -12.37
N LYS A 349 -10.96 -12.19 -11.16
CA LYS A 349 -10.51 -11.12 -10.29
C LYS A 349 -9.78 -11.77 -9.11
N ALA A 350 -9.38 -10.95 -8.14
CA ALA A 350 -8.60 -11.50 -7.03
C ALA A 350 -8.85 -10.70 -5.76
N TYR A 351 -8.74 -11.40 -4.64
CA TYR A 351 -8.63 -10.78 -3.33
C TYR A 351 -7.24 -11.06 -2.78
N SER A 352 -6.69 -10.09 -2.07
CA SER A 352 -5.39 -10.26 -1.44
C SER A 352 -5.55 -10.11 0.07
N THR A 353 -4.93 -11.01 0.80
CA THR A 353 -4.76 -10.87 2.23
C THR A 353 -3.46 -10.11 2.50
N ASP A 354 -3.25 -9.74 3.76
CA ASP A 354 -2.16 -8.82 4.10
C ASP A 354 -1.79 -8.91 5.57
N VAL A 355 -1.85 -10.09 6.16
CA VAL A 355 -1.60 -10.16 7.60
C VAL A 355 -0.13 -9.93 7.90
N CYS A 356 0.14 -9.49 9.12
CA CYS A 356 1.51 -9.31 9.60
C CYS A 356 1.56 -9.84 11.03
N VAL A 357 2.51 -10.74 11.30
CA VAL A 357 2.60 -11.42 12.60
C VAL A 357 3.99 -11.20 13.16
N PRO A 358 4.16 -11.42 14.49
CA PRO A 358 5.52 -11.48 15.04
C PRO A 358 6.36 -12.46 14.24
N ILE A 359 7.61 -12.08 13.96
CA ILE A 359 8.36 -12.83 12.95
C ILE A 359 8.56 -14.28 13.38
N SER A 360 8.62 -14.57 14.67
CA SER A 360 8.84 -15.94 15.07
C SER A 360 7.64 -16.83 14.77
N ARG A 361 6.45 -16.24 14.59
CA ARG A 361 5.25 -17.00 14.22
C ARG A 361 5.03 -17.06 12.72
N LEU A 362 5.89 -16.39 11.93
CA LEU A 362 5.70 -16.39 10.49
C LEU A 362 5.83 -17.77 9.86
N PRO A 363 6.79 -18.63 10.25
CA PRO A 363 6.81 -19.98 9.68
C PRO A 363 5.51 -20.73 9.87
N GLU A 364 4.95 -20.73 11.08
CA GLU A 364 3.69 -21.42 11.33
C GLU A 364 2.59 -20.94 10.39
N ILE A 365 2.39 -19.62 10.29
CA ILE A 365 1.21 -19.16 9.56
C ILE A 365 1.41 -19.27 8.04
N LEU A 366 2.63 -19.05 7.51
CA LEU A 366 2.81 -19.27 6.07
C LEU A 366 2.65 -20.73 5.70
N VAL A 367 3.28 -21.63 6.44
CA VAL A 367 3.13 -23.05 6.13
C VAL A 367 1.68 -23.47 6.25
N GLU A 368 1.00 -23.04 7.30
CA GLU A 368 -0.42 -23.34 7.44
C GLU A 368 -1.22 -22.77 6.27
N THR A 369 -0.88 -21.57 5.82
CA THR A 369 -1.59 -20.96 4.70
C THR A 369 -1.36 -21.75 3.42
N LYS A 370 -0.13 -22.19 3.18
CA LYS A 370 0.15 -23.02 2.02
C LYS A 370 -0.66 -24.30 2.08
N GLU A 371 -0.69 -24.95 3.25
CA GLU A 371 -1.46 -26.19 3.39
C GLU A 371 -2.95 -25.94 3.15
N GLU A 372 -3.47 -24.81 3.63
CA GLU A 372 -4.89 -24.55 3.48
C GLU A 372 -5.24 -24.22 2.04
N ILE A 373 -4.35 -23.54 1.31
CA ILE A 373 -4.58 -23.33 -0.11
C ILE A 373 -4.61 -24.67 -0.84
N LYS A 374 -3.67 -25.56 -0.50
CA LYS A 374 -3.63 -26.89 -1.12
C LYS A 374 -4.92 -27.66 -0.86
N ALA A 375 -5.43 -27.60 0.37
CA ALA A 375 -6.60 -28.40 0.74
C ALA A 375 -7.91 -27.85 0.18
N SER A 376 -7.97 -26.56 -0.15
CA SER A 376 -9.16 -25.95 -0.70
C SER A 376 -9.15 -26.06 -2.22
N LYS A 377 -10.30 -25.81 -2.84
CA LYS A 377 -10.23 -25.79 -4.28
C LYS A 377 -10.13 -24.38 -4.83
N LEU A 378 -9.70 -23.45 -4.00
CA LEU A 378 -9.33 -22.14 -4.49
C LEU A 378 -7.96 -22.21 -5.15
N THR A 379 -7.77 -21.35 -6.13
CA THR A 379 -6.47 -21.11 -6.71
C THR A 379 -5.84 -19.93 -5.99
N GLY A 380 -4.64 -20.14 -5.44
CA GLY A 380 -4.00 -19.09 -4.67
C GLY A 380 -2.50 -19.12 -4.82
N ALA A 381 -1.88 -17.94 -4.82
CA ALA A 381 -0.44 -17.78 -4.84
C ALA A 381 -0.05 -16.97 -3.62
N ILE A 382 1.19 -17.16 -3.16
CA ILE A 382 1.69 -16.50 -1.97
C ILE A 382 2.91 -15.66 -2.33
N VAL A 383 2.94 -14.41 -1.87
CA VAL A 383 4.05 -13.51 -2.14
C VAL A 383 4.10 -12.50 -1.00
N GLY A 384 5.29 -12.04 -0.67
CA GLY A 384 5.34 -10.77 0.02
C GLY A 384 6.51 -10.53 0.94
N HIS A 385 6.31 -9.53 1.80
CA HIS A 385 7.35 -8.80 2.51
C HIS A 385 7.67 -9.51 3.83
N VAL A 386 8.25 -10.72 3.69
CA VAL A 386 8.44 -11.55 4.86
C VAL A 386 9.48 -10.98 5.82
N GLY A 387 10.33 -10.07 5.37
CA GLY A 387 11.25 -9.40 6.28
C GLY A 387 10.52 -8.58 7.33
N ASP A 388 9.28 -8.21 7.05
CA ASP A 388 8.41 -7.49 7.98
C ASP A 388 7.48 -8.43 8.74
N GLY A 389 7.57 -9.74 8.53
CA GLY A 389 6.58 -10.64 9.07
C GLY A 389 5.25 -10.59 8.37
N ASN A 390 5.25 -10.17 7.11
CA ASN A 390 4.07 -9.81 6.33
C ASN A 390 4.04 -10.66 5.07
N PHE A 391 2.86 -11.04 4.61
CA PHE A 391 2.73 -11.73 3.33
C PHE A 391 1.33 -11.54 2.78
N HIS A 392 1.20 -11.79 1.48
CA HIS A 392 -0.05 -11.69 0.76
C HIS A 392 -0.43 -13.05 0.24
N CYS A 393 -1.67 -13.45 0.44
CA CYS A 393 -2.22 -14.60 -0.26
C CYS A 393 -3.16 -14.05 -1.32
N ILE A 394 -2.87 -14.33 -2.58
CA ILE A 394 -3.64 -13.83 -3.71
C ILE A 394 -4.61 -14.93 -4.14
N LEU A 395 -5.90 -14.70 -3.89
CA LEU A 395 -6.95 -15.69 -4.17
C LEU A 395 -7.73 -15.24 -5.39
N LEU A 396 -7.78 -16.10 -6.41
CA LEU A 396 -8.53 -15.80 -7.63
C LEU A 396 -10.01 -16.12 -7.46
N VAL A 397 -10.84 -15.32 -8.11
CA VAL A 397 -12.30 -15.46 -8.02
C VAL A 397 -12.90 -15.33 -9.40
N ASP A 398 -13.89 -16.17 -9.69
CA ASP A 398 -14.76 -15.97 -10.84
C ASP A 398 -15.76 -14.88 -10.50
N PRO A 399 -15.76 -13.78 -11.26
CA PRO A 399 -16.67 -12.72 -10.90
C PRO A 399 -18.14 -13.15 -11.02
N ASP A 401 -19.30 -16.36 -9.89
CA ASP A 401 -19.53 -17.53 -9.07
C ASP A 401 -19.60 -17.06 -7.65
N ALA A 402 -20.80 -16.87 -7.16
CA ALA A 402 -20.99 -16.36 -5.81
C ALA A 402 -20.49 -17.33 -4.76
N GLU A 403 -20.54 -18.63 -5.05
CA GLU A 403 -20.15 -19.59 -4.03
C GLU A 403 -18.65 -19.61 -3.87
N GLU A 404 -17.94 -19.45 -4.97
CA GLU A 404 -16.50 -19.28 -4.92
C GLU A 404 -16.14 -17.99 -4.22
N GLN A 405 -16.89 -16.92 -4.48
CA GLN A 405 -16.63 -15.66 -3.79
C GLN A 405 -16.80 -15.81 -2.28
N ARG A 406 -17.84 -16.53 -1.86
CA ARG A 406 -18.03 -16.70 -0.42
C ARG A 406 -16.95 -17.59 0.19
N ARG A 407 -16.42 -18.54 -0.58
CA ARG A 407 -15.31 -19.34 -0.08
C ARG A 407 -14.03 -18.50 0.04
N VAL A 408 -13.83 -17.57 -0.90
CA VAL A 408 -12.65 -16.72 -0.83
C VAL A 408 -12.75 -15.75 0.34
N LYS A 409 -13.93 -15.16 0.55
CA LYS A 409 -14.11 -14.30 1.71
C LYS A 409 -13.91 -15.07 3.01
N ALA A 410 -14.45 -16.28 3.09
CA ALA A 410 -14.29 -17.09 4.31
C ALA A 410 -12.83 -17.46 4.54
N PHE A 411 -12.10 -17.78 3.48
CA PHE A 411 -10.68 -18.09 3.61
C PHE A 411 -9.93 -16.87 4.14
N ALA A 412 -10.22 -15.70 3.59
CA ALA A 412 -9.50 -14.49 3.99
C ALA A 412 -9.81 -14.12 5.44
N GLU A 413 -11.07 -14.27 5.86
CA GLU A 413 -11.43 -14.00 7.25
C GLU A 413 -10.73 -14.97 8.20
N ASN A 414 -10.66 -16.25 7.83
CA ASN A 414 -10.04 -17.22 8.72
C ASN A 414 -8.56 -16.97 8.86
N LEU A 415 -7.90 -16.59 7.76
CA LEU A 415 -6.48 -16.27 7.81
C LEU A 415 -6.25 -15.03 8.67
N GLY A 416 -7.10 -14.00 8.47
CA GLY A 416 -7.00 -12.83 9.32
C GLY A 416 -7.13 -13.17 10.79
N ARG A 417 -8.12 -14.00 11.15
CA ARG A 417 -8.31 -14.34 12.56
C ARG A 417 -7.18 -15.20 13.10
N ARG A 418 -6.56 -16.04 12.26
CA ARG A 418 -5.38 -16.77 12.71
C ARG A 418 -4.23 -15.82 13.00
N ALA A 419 -4.03 -14.82 12.14
CA ALA A 419 -3.02 -13.80 12.41
C ALA A 419 -3.30 -13.07 13.73
N LEU A 420 -4.55 -12.73 13.99
CA LEU A 420 -4.89 -12.07 15.24
C LEU A 420 -4.63 -12.99 16.43
N ALA A 421 -4.92 -14.29 16.27
CA ALA A 421 -4.65 -15.22 17.36
C ALA A 421 -3.17 -15.32 17.69
N LEU A 422 -2.29 -15.02 16.72
CA LEU A 422 -0.85 -15.06 16.91
C LEU A 422 -0.26 -13.74 17.40
N GLY A 423 -1.10 -12.78 17.77
CA GLY A 423 -0.64 -11.48 18.23
C GLY A 423 -0.35 -10.46 17.14
N GLY A 424 -0.78 -10.73 15.92
CA GLY A 424 -0.46 -9.89 14.79
C GLY A 424 -1.59 -8.94 14.43
N THR A 425 -1.56 -8.49 13.18
CA THR A 425 -2.51 -7.51 12.68
C THR A 425 -3.11 -8.02 11.38
N CYS A 426 -4.35 -7.61 11.11
CA CYS A 426 -5.04 -8.08 9.92
C CYS A 426 -4.56 -7.40 8.65
N THR A 427 -3.82 -6.30 8.76
CA THR A 427 -3.26 -5.65 7.58
C THR A 427 -1.94 -4.99 7.88
N GLY A 428 -0.91 -5.38 7.15
CA GLY A 428 0.40 -4.77 7.31
C GLY A 428 0.57 -3.48 6.53
N GLU A 429 -0.16 -3.31 5.42
CA GLU A 429 0.06 -2.16 4.55
C GLU A 429 -1.15 -1.74 3.69
N HIS A 430 -2.01 -2.68 3.29
CA HIS A 430 -3.06 -2.35 2.32
C HIS A 430 -4.16 -1.50 2.93
N GLY A 431 -4.43 -1.67 4.22
CA GLY A 431 -5.53 -0.97 4.88
C GLY A 431 -6.76 -1.82 5.08
N ILE A 432 -7.82 -1.14 5.52
CA ILE A 432 -9.05 -1.76 5.95
C ILE A 432 -10.14 -1.63 4.90
N GLY A 433 -10.28 -0.43 4.33
CA GLY A 433 -11.33 -0.12 3.37
C GLY A 433 -12.69 -0.66 3.76
N LEU A 434 -13.31 -1.38 2.83
CA LEU A 434 -14.56 -2.09 3.03
C LEU A 434 -14.37 -3.52 3.52
N GLY A 435 -13.21 -4.11 3.29
CA GLY A 435 -13.05 -5.55 3.47
C GLY A 435 -12.73 -6.06 4.86
N LYS A 436 -12.09 -5.24 5.69
CA LYS A 436 -11.54 -5.74 6.95
C LYS A 436 -12.13 -5.03 8.16
N ARG A 437 -13.32 -4.45 8.04
CA ARG A 437 -13.87 -3.66 9.15
C ARG A 437 -14.20 -4.52 10.36
N GLN A 438 -14.70 -5.74 10.14
CA GLN A 438 -14.98 -6.60 11.29
C GLN A 438 -13.69 -7.09 11.93
N LEU A 439 -12.68 -7.43 11.12
CA LEU A 439 -11.40 -7.85 11.67
C LEU A 439 -10.77 -6.73 12.51
N LEU A 440 -10.90 -5.47 12.08
CA LEU A 440 -10.35 -4.37 12.88
C LEU A 440 -10.99 -4.32 14.26
N GLN A 441 -12.31 -4.50 14.32
CA GLN A 441 -12.99 -4.49 15.62
C GLN A 441 -12.45 -5.60 16.52
N GLU A 442 -12.20 -6.79 15.95
CA GLU A 442 -11.62 -7.86 16.74
C GLU A 442 -10.19 -7.53 17.16
N GLU A 443 -9.45 -6.85 16.29
CA GLU A 443 -8.03 -6.58 16.54
C GLU A 443 -7.83 -5.60 17.70
N VAL A 444 -8.61 -4.53 17.77
CA VAL A 444 -8.36 -3.51 18.79
C VAL A 444 -9.40 -3.49 19.91
N GLY A 445 -10.52 -4.20 19.78
CA GLY A 445 -11.45 -4.31 20.88
C GLY A 445 -12.32 -3.08 21.05
N PRO A 446 -13.26 -3.15 22.00
CA PRO A 446 -14.24 -2.07 22.12
C PRO A 446 -13.67 -0.71 22.47
N VAL A 447 -12.63 -0.64 23.32
CA VAL A 447 -12.14 0.67 23.69
C VAL A 447 -11.32 1.26 22.55
N GLY A 448 -10.58 0.40 21.84
CA GLY A 448 -9.89 0.83 20.63
C GLY A 448 -10.84 1.33 19.56
N VAL A 449 -11.95 0.60 19.33
CA VAL A 449 -12.92 1.04 18.32
C VAL A 449 -13.53 2.37 18.70
N GLU A 450 -13.97 2.50 19.96
CA GLU A 450 -14.61 3.75 20.36
C GLU A 450 -13.64 4.90 20.26
N THR A 451 -12.36 4.67 20.61
CA THR A 451 -11.39 5.74 20.56
C THR A 451 -11.14 6.18 19.11
N MET A 452 -11.01 5.21 18.21
CA MET A 452 -10.86 5.57 16.81
C MET A 452 -12.08 6.33 16.32
N ARG A 453 -13.27 5.92 16.79
CA ARG A 453 -14.48 6.55 16.31
C ARG A 453 -14.61 7.97 16.86
N GLN A 454 -14.15 8.19 18.09
CA GLN A 454 -14.15 9.55 18.62
C GLN A 454 -13.22 10.46 17.81
N LEU A 455 -12.12 9.93 17.30
CA LEU A 455 -11.21 10.72 16.49
C LEU A 455 -11.86 11.07 15.16
N LYS A 456 -12.46 10.07 14.51
CA LYS A 456 -13.21 10.27 13.29
C LYS A 456 -14.30 11.31 13.47
N ASN A 457 -15.03 11.24 14.59
CA ASN A 457 -16.15 12.16 14.80
C ASN A 457 -15.69 13.59 15.02
N THR A 458 -14.55 13.81 15.68
CA THR A 458 -14.18 15.22 15.89
C THR A 458 -13.72 15.87 14.60
N LEU A 459 -13.08 15.11 13.71
CA LEU A 459 -12.63 15.67 12.45
C LEU A 459 -13.73 15.67 11.39
N ASP A 460 -14.65 14.71 11.44
CA ASP A 460 -15.71 14.58 10.45
C ASP A 460 -17.06 14.42 11.16
N PRO A 461 -17.57 15.50 11.78
CA PRO A 461 -18.79 15.33 12.58
C PRO A 461 -19.96 14.79 11.80
N ARG A 462 -20.15 15.23 10.56
CA ARG A 462 -21.30 14.80 9.78
C ARG A 462 -21.10 13.43 9.12
N GLY A 463 -19.91 12.84 9.23
CA GLY A 463 -19.66 11.52 8.69
C GLY A 463 -19.68 11.45 7.18
N LEU A 464 -19.26 12.53 6.51
CA LEU A 464 -19.29 12.63 5.06
C LEU A 464 -17.93 12.37 4.41
N MET A 465 -16.87 12.19 5.20
CA MET A 465 -15.52 11.97 4.71
C MET A 465 -15.35 10.49 4.44
N ASN A 466 -15.52 10.08 3.17
CA ASN A 466 -15.42 8.70 2.74
C ASN A 466 -16.19 7.73 3.65
N PRO A 467 -17.51 7.87 3.73
CA PRO A 467 -18.27 7.06 4.70
C PRO A 467 -18.26 5.58 4.36
N GLY A 468 -18.45 4.76 5.40
CA GLY A 468 -18.49 3.33 5.22
C GLY A 468 -17.15 2.63 5.16
N LYS A 469 -16.04 3.35 5.38
CA LYS A 469 -14.71 2.76 5.29
C LYS A 469 -14.03 2.80 6.66
N VAL A 470 -13.24 1.76 6.92
CA VAL A 470 -12.39 1.60 8.11
C VAL A 470 -13.22 1.29 9.34
N LEU A 471 -14.10 2.20 9.73
CA LEU A 471 -14.95 2.02 10.91
C LEU A 471 -16.38 1.69 10.49
PA FAD B . -6.69 4.96 -4.19
O1A FAD B . -7.19 3.60 -4.54
O2A FAD B . -6.93 6.13 -5.10
O5B FAD B . -7.21 5.33 -2.73
C5B FAD B . -6.94 4.46 -1.61
C4B FAD B . -7.59 5.00 -0.36
O4B FAD B . -6.90 6.20 0.06
C3B FAD B . -9.06 5.39 -0.51
O3B FAD B . -9.74 5.13 0.71
C2B FAD B . -8.97 6.87 -0.87
O2B FAD B . -10.13 7.61 -0.51
C1B FAD B . -7.76 7.32 -0.05
N9A FAD B . -6.98 8.39 -0.65
C8A FAD B . -6.29 8.40 -1.84
N7A FAD B . -5.64 9.52 -2.07
C5A FAD B . -5.90 10.28 -0.95
C6A FAD B . -5.49 11.57 -0.57
N6A FAD B . -4.70 12.35 -1.31
N1A FAD B . -5.94 12.05 0.62
C2A FAD B . -6.72 11.28 1.37
N3A FAD B . -7.16 10.03 1.12
C4A FAD B . -6.71 9.60 -0.07
N1 FAD B . 0.19 -1.27 -1.43
C2 FAD B . 1.19 -1.37 -0.51
O2 FAD B . 1.09 -0.82 0.60
N3 FAD B . 2.33 -2.08 -0.82
C4 FAD B . 2.58 -2.75 -2.00
O4 FAD B . 3.63 -3.38 -2.15
C4X FAD B . 1.53 -2.62 -2.99
N5 FAD B . 1.69 -3.20 -4.17
C5X FAD B . 0.67 -3.08 -5.10
C6 FAD B . 0.83 -3.69 -6.34
C7 FAD B . -0.16 -3.60 -7.31
C7M FAD B . 0.04 -4.28 -8.64
C8 FAD B . -1.34 -2.89 -7.04
C8M FAD B . -2.43 -2.77 -8.06
C9 FAD B . -1.49 -2.28 -5.80
C9A FAD B . -0.50 -2.36 -4.83
N10 FAD B . -0.62 -1.73 -3.57
C10 FAD B . 0.37 -1.86 -2.62
C1' FAD B . -1.88 -1.04 -3.19
C2' FAD B . -1.95 0.43 -3.58
O2' FAD B . -1.06 0.70 -4.66
C3' FAD B . -1.59 1.28 -2.37
O3' FAD B . -2.57 1.03 -1.37
C4' FAD B . -1.56 2.77 -2.69
O4' FAD B . -1.07 3.48 -1.54
C5' FAD B . -2.91 3.31 -3.09
O5' FAD B . -2.76 4.64 -3.63
P FAD B . -3.81 5.23 -4.64
O1P FAD B . -3.66 6.73 -4.82
O2P FAD B . -3.79 4.46 -5.94
O3P FAD B . -5.14 4.89 -3.85
MN MN C . 2.79 -5.58 -0.80
C1 COI D . 2.35 -6.73 -3.36
O1 COI D . 2.49 -7.12 -4.55
O2 COI D . 3.34 -6.58 -2.60
C2 COI D . 1.00 -6.42 -2.78
O3 COI D . 0.89 -5.48 -2.06
C3 COI D . -0.18 -7.31 -3.13
C4 COI D . -1.11 -6.46 -3.96
C5 COI D . -0.63 -6.52 -5.41
C6 COI D . -2.50 -7.03 -3.86
#